data_2VN6
#
_entry.id   2VN6
#
_cell.length_a   39.291
_cell.length_b   60.476
_cell.length_c   100.725
_cell.angle_alpha   90.00
_cell.angle_beta   90.00
_cell.angle_gamma   90.00
#
_symmetry.space_group_name_H-M   'P 21 21 21'
#
loop_
_entity.id
_entity.type
_entity.pdbx_description
1 polymer 'SCAFFOLDING PROTEIN'
2 polymer 'ENDOGLUCANASE A'
3 non-polymer 'CALCIUM ION'
4 water water
#
loop_
_entity_poly.entity_id
_entity_poly.type
_entity_poly.pdbx_seq_one_letter_code
_entity_poly.pdbx_strand_id
1 'polypeptide(L)'
;TVLPKDIPGDSLKVTVGTANGKPGDTVTVPVTFADVAKMKNVGTCNFYLGYDASLLEVVSVDAGPIVKNAAVNFSSSASN
GTISFLFLDNTITDELITADGVFANIKFKLKSVTAKTTTPVTFKDGGAFGDGTMSKIASVTKTNGSVTIDP
;
A
2 'polypeptide(L)' VIVYGDYNNDGNVDSTDFAGLKKYIMAADHAYVKNLDVNLDNEVNAFDLAILKKYLLGMVSKLE B
#
loop_
_chem_comp.id
_chem_comp.type
_chem_comp.name
_chem_comp.formula
CA non-polymer 'CALCIUM ION' 'Ca 2'
#
# COMPACT_ATOMS: atom_id res chain seq x y z
N THR A 1 28.63 -4.18 15.33
CA THR A 1 29.14 -4.29 13.92
C THR A 1 28.00 -4.24 12.91
N VAL A 2 28.09 -3.25 12.01
CA VAL A 2 27.12 -3.10 10.93
C VAL A 2 27.83 -2.93 9.58
N LEU A 3 27.12 -3.31 8.51
CA LEU A 3 27.58 -3.17 7.12
C LEU A 3 26.71 -2.16 6.37
N PRO A 4 27.13 -1.75 5.16
CA PRO A 4 26.31 -0.72 4.49
C PRO A 4 24.84 -1.10 4.26
N LYS A 5 24.58 -2.39 4.02
CA LYS A 5 23.21 -2.87 3.81
C LYS A 5 22.29 -2.60 5.02
N ASP A 6 22.91 -2.44 6.19
CA ASP A 6 22.20 -2.23 7.45
C ASP A 6 21.87 -0.76 7.72
N ILE A 7 22.51 0.14 6.97
CA ILE A 7 22.44 1.58 7.25
C ILE A 7 22.10 2.30 5.93
N PRO A 8 20.79 2.51 5.65
CA PRO A 8 20.52 3.33 4.48
C PRO A 8 20.79 4.82 4.78
N GLY A 9 21.00 5.59 3.73
CA GLY A 9 21.11 7.03 3.85
C GLY A 9 19.76 7.55 3.41
N ASP A 10 19.56 7.62 2.09
CA ASP A 10 18.28 8.00 1.49
C ASP A 10 17.27 6.87 1.61
N SER A 11 16.09 7.18 2.14
CA SER A 11 14.99 6.21 2.18
CA SER A 11 15.01 6.21 2.26
C SER A 11 13.67 6.93 2.24
N LEU A 12 12.65 6.31 1.64
CA LEU A 12 11.28 6.78 1.81
C LEU A 12 10.84 6.36 3.21
N LYS A 13 10.30 7.31 3.99
CA LYS A 13 9.84 7.00 5.34
C LYS A 13 8.34 6.78 5.30
N VAL A 14 7.89 5.62 5.78
CA VAL A 14 6.45 5.33 5.88
C VAL A 14 6.16 4.98 7.33
N THR A 15 5.34 5.79 7.98
CA THR A 15 5.20 5.71 9.44
C THR A 15 3.74 5.60 9.86
N VAL A 16 3.42 4.55 10.62
CA VAL A 16 2.12 4.45 11.25
C VAL A 16 2.15 5.26 12.55
N GLY A 17 1.18 6.15 12.72
CA GLY A 17 1.14 7.02 13.88
C GLY A 17 0.60 6.35 15.13
N THR A 18 0.20 7.17 16.10
CA THR A 18 -0.32 6.68 17.36
C THR A 18 -1.58 7.45 17.75
N ALA A 19 -2.37 6.83 18.63
CA ALA A 19 -3.59 7.43 19.12
C ALA A 19 -3.92 6.85 20.49
N ASN A 20 -4.74 7.57 21.24
CA ASN A 20 -5.19 7.08 22.53
C ASN A 20 -6.61 7.53 22.81
N GLY A 21 -7.29 6.79 23.66
CA GLY A 21 -8.63 7.14 24.07
C GLY A 21 -9.16 6.10 25.03
N LYS A 22 -10.44 6.20 25.36
CA LYS A 22 -11.09 5.24 26.23
C LYS A 22 -12.06 4.40 25.41
N PRO A 23 -12.44 3.20 25.92
CA PRO A 23 -13.41 2.38 25.20
C PRO A 23 -14.62 3.18 24.70
N GLY A 24 -14.97 3.00 23.43
CA GLY A 24 -16.10 3.70 22.82
C GLY A 24 -15.72 4.92 21.99
N ASP A 25 -14.51 5.45 22.21
CA ASP A 25 -13.98 6.54 21.41
C ASP A 25 -13.68 6.06 19.99
N THR A 26 -13.76 6.99 19.04
CA THR A 26 -13.21 6.77 17.72
C THR A 26 -11.98 7.66 17.57
N VAL A 27 -10.85 7.05 17.21
CA VAL A 27 -9.60 7.78 17.03
C VAL A 27 -9.10 7.60 15.61
N THR A 28 -8.23 8.51 15.19
CA THR A 28 -7.61 8.46 13.87
C THR A 28 -6.14 8.10 14.00
N VAL A 29 -5.71 7.13 13.20
CA VAL A 29 -4.30 6.75 13.11
C VAL A 29 -3.83 7.02 11.69
N PRO A 30 -2.91 8.00 11.52
CA PRO A 30 -2.42 8.35 10.18
C PRO A 30 -1.32 7.40 9.73
N VAL A 31 -1.17 7.24 8.42
CA VAL A 31 0.01 6.64 7.81
C VAL A 31 0.67 7.77 7.00
N THR A 32 1.89 8.14 7.37
CA THR A 32 2.56 9.35 6.87
C THR A 32 3.78 8.99 6.01
N PHE A 33 3.95 9.71 4.89
CA PHE A 33 5.14 9.56 4.05
C PHE A 33 6.07 10.75 4.28
N ALA A 34 7.37 10.48 4.33
CA ALA A 34 8.37 11.56 4.33
C ALA A 34 9.49 11.25 3.36
N ASP A 35 10.21 12.30 2.96
CA ASP A 35 11.27 12.22 1.95
C ASP A 35 10.81 11.80 0.56
N VAL A 36 9.58 12.18 0.23
CA VAL A 36 8.98 11.83 -1.06
C VAL A 36 9.76 12.41 -2.26
N ALA A 37 10.02 13.71 -2.24
CA ALA A 37 10.74 14.32 -3.35
C ALA A 37 12.17 13.79 -3.49
N LYS A 38 12.85 13.60 -2.36
CA LYS A 38 14.20 13.03 -2.31
C LYS A 38 14.25 11.70 -3.06
N MET A 39 13.23 10.87 -2.85
CA MET A 39 13.16 9.52 -3.42
C MET A 39 12.53 9.50 -4.83
N LYS A 40 12.38 10.69 -5.43
CA LYS A 40 11.90 10.86 -6.81
CA LYS A 40 11.90 10.88 -6.80
C LYS A 40 10.40 10.57 -6.97
N ASN A 41 9.63 10.97 -5.94
CA ASN A 41 8.16 10.83 -5.91
C ASN A 41 7.68 9.39 -5.74
N VAL A 42 6.39 9.23 -5.47
CA VAL A 42 5.78 7.89 -5.40
C VAL A 42 4.72 7.74 -6.47
N GLY A 43 4.90 6.74 -7.33
CA GLY A 43 3.96 6.49 -8.42
C GLY A 43 3.04 5.32 -8.14
N THR A 44 3.49 4.38 -7.31
CA THR A 44 2.66 3.22 -6.96
C THR A 44 3.14 2.61 -5.65
N CYS A 45 2.22 2.05 -4.88
CA CYS A 45 2.62 1.23 -3.73
C CYS A 45 1.51 0.28 -3.31
N ASN A 46 1.89 -0.79 -2.64
CA ASN A 46 0.92 -1.64 -1.95
C ASN A 46 1.59 -2.20 -0.71
N PHE A 47 0.83 -2.22 0.38
CA PHE A 47 1.33 -2.77 1.64
C PHE A 47 0.16 -3.15 2.56
N TYR A 48 0.49 -3.74 3.71
CA TYR A 48 -0.52 -4.32 4.60
C TYR A 48 -0.16 -4.00 6.05
N LEU A 49 -1.17 -3.64 6.84
CA LEU A 49 -0.99 -3.39 8.29
C LEU A 49 -1.82 -4.37 9.12
N GLY A 50 -1.22 -4.91 10.17
CA GLY A 50 -1.93 -5.80 11.07
C GLY A 50 -2.39 -5.06 12.32
N TYR A 51 -3.58 -5.42 12.81
CA TYR A 51 -4.08 -4.87 14.06
C TYR A 51 -4.87 -5.94 14.82
N ASP A 52 -5.11 -5.68 16.11
CA ASP A 52 -5.81 -6.60 16.98
C ASP A 52 -7.32 -6.31 16.98
N ALA A 53 -8.08 -7.13 16.25
CA ALA A 53 -9.51 -6.88 16.04
C ALA A 53 -10.35 -7.11 17.31
N SER A 54 -9.76 -7.75 18.32
CA SER A 54 -10.42 -7.92 19.61
C SER A 54 -10.40 -6.64 20.43
N LEU A 55 -9.54 -5.69 20.03
CA LEU A 55 -9.37 -4.42 20.73
C LEU A 55 -9.76 -3.18 19.89
N LEU A 56 -9.69 -3.31 18.56
CA LEU A 56 -10.02 -2.18 17.68
C LEU A 56 -10.99 -2.60 16.57
N GLU A 57 -11.95 -1.72 16.27
CA GLU A 57 -12.84 -1.91 15.11
C GLU A 57 -12.45 -0.90 14.05
N VAL A 58 -12.19 -1.36 12.83
CA VAL A 58 -11.94 -0.42 11.71
C VAL A 58 -13.28 0.16 11.28
N VAL A 59 -13.40 1.49 11.38
CA VAL A 59 -14.61 2.23 11.01
C VAL A 59 -14.50 2.71 9.57
N SER A 60 -13.35 3.25 9.21
CA SER A 60 -13.08 3.70 7.84
C SER A 60 -11.58 3.81 7.59
N VAL A 61 -11.22 3.70 6.32
CA VAL A 61 -9.87 3.98 5.87
C VAL A 61 -10.04 4.90 4.67
N ASP A 62 -9.43 6.07 4.76
CA ASP A 62 -9.52 7.07 3.69
C ASP A 62 -8.14 7.52 3.26
N ALA A 63 -8.01 7.90 2.00
CA ALA A 63 -6.78 8.49 1.51
C ALA A 63 -6.54 9.83 2.20
N GLY A 64 -5.25 10.16 2.35
CA GLY A 64 -4.86 11.45 2.93
C GLY A 64 -4.64 12.50 1.84
N PRO A 65 -4.33 13.73 2.26
CA PRO A 65 -4.35 14.81 1.27
C PRO A 65 -3.19 14.85 0.27
N ILE A 66 -2.19 13.98 0.43
CA ILE A 66 -1.10 13.92 -0.54
C ILE A 66 -1.48 13.09 -1.78
N VAL A 67 -2.60 12.38 -1.69
CA VAL A 67 -3.04 11.49 -2.77
C VAL A 67 -4.01 12.23 -3.69
N LYS A 68 -3.60 12.39 -4.95
CA LYS A 68 -4.39 13.09 -5.94
C LYS A 68 -5.35 12.11 -6.60
N ASN A 69 -6.58 12.56 -6.88
CA ASN A 69 -7.58 11.72 -7.53
C ASN A 69 -7.73 10.35 -6.88
N ALA A 70 -7.89 10.36 -5.56
CA ALA A 70 -7.95 9.13 -4.76
C ALA A 70 -9.10 8.20 -5.14
N ALA A 71 -10.23 8.76 -5.57
CA ALA A 71 -11.36 7.93 -5.99
C ALA A 71 -10.96 6.91 -7.06
N VAL A 72 -10.03 7.31 -7.94
CA VAL A 72 -9.51 6.43 -8.98
C VAL A 72 -8.21 5.72 -8.56
N ASN A 73 -7.30 6.46 -7.92
CA ASN A 73 -5.92 5.99 -7.70
C ASN A 73 -5.67 5.20 -6.42
N PHE A 74 -6.58 5.30 -5.45
CA PHE A 74 -6.37 4.75 -4.12
C PHE A 74 -7.44 3.72 -3.79
N SER A 75 -7.03 2.61 -3.20
CA SER A 75 -7.97 1.61 -2.72
CA SER A 75 -8.00 1.64 -2.70
C SER A 75 -7.51 1.06 -1.38
N SER A 76 -8.46 0.71 -0.53
CA SER A 76 -8.18 0.12 0.77
C SER A 76 -9.27 -0.91 1.09
N SER A 77 -8.92 -1.87 1.93
CA SER A 77 -9.93 -2.78 2.50
C SER A 77 -9.38 -3.37 3.79
N ALA A 78 -10.27 -3.92 4.62
CA ALA A 78 -9.85 -4.52 5.87
C ALA A 78 -10.58 -5.84 6.05
N SER A 79 -9.82 -6.89 6.38
CA SER A 79 -10.39 -8.21 6.62
C SER A 79 -9.50 -8.97 7.59
N ASN A 80 -10.14 -9.57 8.60
CA ASN A 80 -9.51 -10.48 9.55
C ASN A 80 -8.23 -9.93 10.21
N GLY A 81 -8.26 -8.65 10.58
CA GLY A 81 -7.14 -8.01 11.25
C GLY A 81 -6.03 -7.53 10.36
N THR A 82 -6.28 -7.46 9.05
CA THR A 82 -5.30 -6.92 8.10
C THR A 82 -5.94 -5.80 7.27
N ILE A 83 -5.32 -4.64 7.25
CA ILE A 83 -5.74 -3.55 6.38
C ILE A 83 -4.82 -3.51 5.16
N SER A 84 -5.41 -3.57 3.96
CA SER A 84 -4.66 -3.49 2.70
C SER A 84 -4.72 -2.10 2.08
N PHE A 85 -3.59 -1.64 1.55
CA PHE A 85 -3.49 -0.34 0.89
C PHE A 85 -2.94 -0.53 -0.52
N LEU A 86 -3.54 0.18 -1.47
CA LEU A 86 -3.01 0.19 -2.83
C LEU A 86 -3.15 1.57 -3.47
N PHE A 87 -2.03 2.08 -3.97
CA PHE A 87 -2.04 3.33 -4.74
C PHE A 87 -1.38 3.10 -6.09
N LEU A 88 -1.99 3.66 -7.14
CA LEU A 88 -1.36 3.75 -8.46
C LEU A 88 -1.87 5.00 -9.14
N ASP A 89 -0.96 5.83 -9.63
CA ASP A 89 -1.37 6.95 -10.49
C ASP A 89 -1.85 6.32 -11.81
N ASN A 90 -3.17 6.28 -12.01
CA ASN A 90 -3.69 5.63 -13.20
C ASN A 90 -3.41 6.40 -14.49
N THR A 91 -2.88 7.63 -14.36
CA THR A 91 -2.41 8.38 -15.54
C THR A 91 -0.91 8.16 -15.77
N ILE A 92 -0.29 7.47 -14.81
CA ILE A 92 1.15 7.12 -14.80
C ILE A 92 2.08 8.31 -14.56
N THR A 93 1.79 9.47 -15.16
CA THR A 93 2.71 10.60 -15.08
C THR A 93 2.15 11.86 -14.42
N ASP A 94 0.83 11.99 -14.35
CA ASP A 94 0.21 13.30 -14.05
C ASP A 94 -0.36 13.50 -12.65
N GLU A 95 -0.48 12.41 -11.88
CA GLU A 95 -1.11 12.45 -10.56
C GLU A 95 -0.25 11.73 -9.51
N LEU A 96 1.05 11.96 -9.59
CA LEU A 96 1.99 11.33 -8.68
C LEU A 96 1.89 11.90 -7.26
N ILE A 97 2.36 11.12 -6.28
CA ILE A 97 2.54 11.66 -4.93
C ILE A 97 3.87 12.41 -4.93
N THR A 98 3.79 13.72 -4.67
CA THR A 98 4.97 14.60 -4.78
C THR A 98 5.30 15.37 -3.49
N ALA A 99 4.45 15.25 -2.47
CA ALA A 99 4.62 15.98 -1.21
C ALA A 99 4.67 15.02 -0.02
N ASP A 100 5.41 15.41 1.03
CA ASP A 100 5.36 14.70 2.32
C ASP A 100 4.03 15.00 3.00
N GLY A 101 3.54 14.03 3.78
CA GLY A 101 2.33 14.25 4.57
C GLY A 101 1.57 12.95 4.72
N VAL A 102 0.30 13.06 5.06
CA VAL A 102 -0.52 11.89 5.35
C VAL A 102 -1.00 11.20 4.06
N PHE A 103 -0.61 9.93 3.93
CA PHE A 103 -1.03 9.05 2.83
C PHE A 103 -2.42 8.47 3.06
N ALA A 104 -2.70 8.09 4.30
CA ALA A 104 -4.00 7.53 4.66
C ALA A 104 -4.36 7.79 6.12
N ASN A 105 -5.66 7.88 6.41
CA ASN A 105 -6.15 8.02 7.78
C ASN A 105 -7.02 6.81 8.11
N ILE A 106 -6.67 6.09 9.17
CA ILE A 106 -7.49 4.95 9.64
C ILE A 106 -8.28 5.41 10.85
N LYS A 107 -9.60 5.23 10.79
CA LYS A 107 -10.42 5.47 11.97
C LYS A 107 -10.71 4.13 12.66
N PHE A 108 -10.32 4.05 13.94
CA PHE A 108 -10.54 2.88 14.78
C PHE A 108 -11.52 3.27 15.90
N LYS A 109 -12.51 2.42 16.15
CA LYS A 109 -13.33 2.54 17.36
C LYS A 109 -12.74 1.64 18.42
N LEU A 110 -12.58 2.18 19.63
CA LEU A 110 -11.91 1.49 20.72
C LEU A 110 -12.87 0.59 21.48
N LYS A 111 -12.45 -0.66 21.67
CA LYS A 111 -13.27 -1.65 22.39
C LYS A 111 -12.90 -1.68 23.88
N SER A 112 -13.68 -2.42 24.66
CA SER A 112 -13.49 -2.47 26.10
C SER A 112 -12.23 -3.23 26.52
N VAL A 113 -11.61 -2.74 27.59
CA VAL A 113 -10.44 -3.39 28.22
C VAL A 113 -10.60 -3.29 29.72
N THR A 114 -9.93 -4.17 30.47
CA THR A 114 -10.02 -4.15 31.93
C THR A 114 -8.88 -3.37 32.58
N ALA A 115 -7.83 -3.11 31.79
CA ALA A 115 -6.71 -2.30 32.24
C ALA A 115 -6.15 -1.55 31.02
N LYS A 116 -5.49 -0.42 31.28
CA LYS A 116 -4.82 0.36 30.23
C LYS A 116 -3.98 -0.58 29.36
N THR A 117 -4.18 -0.49 28.05
CA THR A 117 -3.58 -1.44 27.11
C THR A 117 -3.05 -0.69 25.89
N THR A 118 -1.82 -1.03 25.49
CA THR A 118 -1.28 -0.50 24.24
C THR A 118 -1.17 -1.64 23.22
N THR A 119 -1.79 -1.44 22.06
CA THR A 119 -1.88 -2.46 21.04
C THR A 119 -1.24 -1.95 19.74
N PRO A 120 -0.34 -2.76 19.14
CA PRO A 120 0.46 -2.31 17.99
C PRO A 120 -0.29 -2.43 16.65
N VAL A 121 0.03 -1.50 15.75
CA VAL A 121 -0.45 -1.54 14.37
C VAL A 121 0.80 -1.66 13.52
N THR A 122 0.95 -2.80 12.85
CA THR A 122 2.26 -3.21 12.35
C THR A 122 2.28 -3.54 10.86
N PHE A 123 3.40 -3.26 10.20
CA PHE A 123 3.61 -3.73 8.83
C PHE A 123 3.72 -5.28 8.75
N LYS A 124 3.02 -5.87 7.81
CA LYS A 124 3.12 -7.29 7.53
C LYS A 124 2.99 -7.55 6.06
N ASP A 125 3.49 -8.71 5.63
CA ASP A 125 3.08 -9.41 4.41
C ASP A 125 3.66 -8.81 3.17
N GLY A 126 4.68 -8.02 3.26
CA GLY A 126 5.32 -7.55 2.04
C GLY A 126 4.64 -6.40 1.25
N GLY A 127 4.96 -6.29 -0.02
CA GLY A 127 4.40 -5.20 -0.82
C GLY A 127 5.44 -4.60 -1.75
N ALA A 128 5.17 -3.39 -2.20
CA ALA A 128 5.99 -2.73 -3.23
C ALA A 128 5.87 -1.22 -3.11
N PHE A 129 6.99 -0.54 -3.34
CA PHE A 129 7.02 0.92 -3.39
C PHE A 129 7.76 1.38 -4.64
N GLY A 130 7.04 2.06 -5.53
CA GLY A 130 7.60 2.53 -6.81
C GLY A 130 7.65 4.04 -6.90
N ASP A 131 8.73 4.56 -7.49
CA ASP A 131 8.90 6.01 -7.58
C ASP A 131 8.10 6.62 -8.73
N GLY A 132 8.40 7.87 -9.11
CA GLY A 132 7.66 8.53 -10.19
C GLY A 132 7.85 7.95 -11.58
N THR A 133 8.77 7.00 -11.72
CA THR A 133 8.93 6.24 -12.98
C THR A 133 8.40 4.80 -12.83
N MET A 134 7.77 4.53 -11.69
CA MET A 134 7.24 3.21 -11.31
C MET A 134 8.36 2.20 -11.04
N SER A 135 9.55 2.70 -10.77
CA SER A 135 10.70 1.84 -10.49
C SER A 135 10.86 1.63 -8.98
N LYS A 136 11.39 0.48 -8.59
CA LYS A 136 11.50 0.14 -7.17
C LYS A 136 12.30 1.20 -6.42
N ILE A 137 11.71 1.72 -5.34
CA ILE A 137 12.45 2.60 -4.43
C ILE A 137 13.46 1.76 -3.65
N ALA A 138 14.73 2.16 -3.69
CA ALA A 138 15.82 1.30 -3.20
C ALA A 138 15.79 1.02 -1.71
N SER A 139 15.22 1.94 -0.93
CA SER A 139 15.14 1.77 0.51
C SER A 139 13.88 2.43 1.04
N VAL A 140 13.14 1.69 1.86
CA VAL A 140 11.91 2.18 2.48
C VAL A 140 11.98 1.87 3.97
N THR A 141 11.90 2.90 4.80
CA THR A 141 11.96 2.73 6.25
C THR A 141 10.53 2.67 6.80
N LYS A 142 10.14 1.49 7.27
CA LYS A 142 8.76 1.24 7.73
C LYS A 142 8.72 1.23 9.27
N THR A 143 7.98 2.18 9.85
CA THR A 143 7.87 2.31 11.31
C THR A 143 6.45 2.00 11.80
N ASN A 144 6.34 1.04 12.72
CA ASN A 144 5.04 0.64 13.29
C ASN A 144 4.48 1.69 14.24
N GLY A 145 3.16 1.63 14.47
CA GLY A 145 2.47 2.52 15.40
C GLY A 145 1.67 1.75 16.44
N SER A 146 0.71 2.44 17.07
CA SER A 146 -0.05 1.85 18.16
C SER A 146 -1.25 2.67 18.57
N VAL A 147 -2.16 2.02 19.30
CA VAL A 147 -3.28 2.70 19.95
C VAL A 147 -3.25 2.29 21.42
N THR A 148 -3.43 3.29 22.30
CA THR A 148 -3.51 3.04 23.74
C THR A 148 -4.96 3.26 24.18
N ILE A 149 -5.53 2.23 24.80
CA ILE A 149 -6.91 2.26 25.29
C ILE A 149 -6.87 2.28 26.82
N ASP A 150 -7.41 3.36 27.39
CA ASP A 150 -7.34 3.61 28.83
C ASP A 150 -8.76 3.67 29.41
N PRO A 151 -9.17 2.62 30.16
CA PRO A 151 -10.54 2.53 30.68
C PRO A 151 -10.78 3.45 31.87
N VAL B 1 0.99 -22.10 -23.92
CA VAL B 1 1.57 -20.73 -24.06
C VAL B 1 1.01 -19.81 -22.96
N ILE B 2 1.87 -18.92 -22.46
CA ILE B 2 1.50 -17.98 -21.40
C ILE B 2 1.02 -16.67 -22.00
N VAL B 3 -0.13 -16.19 -21.55
CA VAL B 3 -0.59 -14.86 -21.94
C VAL B 3 -0.37 -13.90 -20.78
N TYR B 4 0.74 -13.16 -20.82
CA TYR B 4 1.07 -12.26 -19.72
C TYR B 4 0.01 -11.19 -19.58
N GLY B 5 -0.34 -10.91 -18.33
CA GLY B 5 -1.36 -9.89 -18.02
C GLY B 5 -2.79 -10.41 -18.03
N ASP B 6 -2.97 -11.68 -18.42
CA ASP B 6 -4.32 -12.23 -18.56
C ASP B 6 -4.89 -12.74 -17.24
N TYR B 7 -5.27 -11.80 -16.39
CA TYR B 7 -5.77 -12.11 -15.05
C TYR B 7 -6.89 -13.16 -15.03
N ASN B 8 -7.92 -12.93 -15.84
CA ASN B 8 -9.11 -13.79 -15.82
C ASN B 8 -9.05 -14.99 -16.76
N ASN B 9 -7.87 -15.20 -17.36
CA ASN B 9 -7.63 -16.38 -18.21
C ASN B 9 -8.65 -16.54 -19.34
N ASP B 10 -9.02 -15.40 -19.95
CA ASP B 10 -9.94 -15.42 -21.10
C ASP B 10 -9.23 -15.26 -22.43
N GLY B 11 -7.88 -15.21 -22.38
CA GLY B 11 -7.08 -15.09 -23.61
C GLY B 11 -6.80 -13.67 -24.05
N ASN B 12 -7.63 -12.74 -23.58
CA ASN B 12 -7.46 -11.33 -23.87
C ASN B 12 -6.76 -10.59 -22.74
N VAL B 13 -6.15 -9.45 -23.07
CA VAL B 13 -5.57 -8.58 -22.04
C VAL B 13 -6.22 -7.21 -22.19
N ASP B 14 -7.05 -6.83 -21.22
CA ASP B 14 -7.83 -5.59 -21.34
C ASP B 14 -8.16 -5.00 -19.96
N SER B 15 -9.02 -3.98 -19.93
CA SER B 15 -9.36 -3.28 -18.66
C SER B 15 -9.92 -4.20 -17.58
N THR B 16 -10.57 -5.30 -17.99
CA THR B 16 -11.12 -6.27 -17.03
C THR B 16 -9.98 -6.87 -16.20
N ASP B 17 -8.87 -7.17 -16.87
CA ASP B 17 -7.70 -7.71 -16.16
C ASP B 17 -7.08 -6.72 -15.18
N PHE B 18 -7.07 -5.43 -15.54
CA PHE B 18 -6.58 -4.39 -14.64
C PHE B 18 -7.44 -4.31 -13.37
N ALA B 19 -8.76 -4.30 -13.53
CA ALA B 19 -9.67 -4.21 -12.38
C ALA B 19 -9.47 -5.41 -11.47
N GLY B 20 -9.29 -6.57 -12.07
CA GLY B 20 -9.15 -7.81 -11.29
C GLY B 20 -7.84 -7.82 -10.51
N LEU B 21 -6.74 -7.47 -11.18
CA LEU B 21 -5.42 -7.49 -10.54
C LEU B 21 -5.34 -6.52 -9.34
N LYS B 22 -6.02 -5.37 -9.45
CA LYS B 22 -6.11 -4.42 -8.35
CA LYS B 22 -6.13 -4.40 -8.36
C LYS B 22 -6.67 -5.10 -7.10
N LYS B 23 -7.85 -5.73 -7.24
CA LYS B 23 -8.49 -6.40 -6.12
C LYS B 23 -7.67 -7.58 -5.60
N TYR B 24 -7.02 -8.28 -6.52
CA TYR B 24 -6.22 -9.44 -6.18
C TYR B 24 -5.04 -9.05 -5.28
N ILE B 25 -4.34 -7.99 -5.68
CA ILE B 25 -3.20 -7.54 -4.88
C ILE B 25 -3.61 -7.21 -3.44
N MET B 26 -4.80 -6.63 -3.29
CA MET B 26 -5.30 -6.24 -1.97
C MET B 26 -5.67 -7.41 -1.08
N ALA B 27 -5.85 -8.59 -1.67
CA ALA B 27 -6.04 -9.78 -0.85
C ALA B 27 -4.67 -10.15 -0.32
N ALA B 28 -4.50 -10.07 1.01
CA ALA B 28 -3.20 -10.30 1.62
C ALA B 28 -2.67 -11.71 1.35
N ASP B 29 -3.60 -12.65 1.09
CA ASP B 29 -3.28 -14.05 0.86
C ASP B 29 -3.28 -14.43 -0.63
N HIS B 30 -3.11 -13.43 -1.50
CA HIS B 30 -3.10 -13.73 -2.94
C HIS B 30 -1.88 -14.59 -3.28
N ALA B 31 -2.09 -15.58 -4.13
CA ALA B 31 -1.02 -16.52 -4.52
C ALA B 31 -0.15 -15.98 -5.65
N TYR B 32 1.07 -16.51 -5.75
CA TYR B 32 1.90 -16.25 -6.92
C TYR B 32 1.24 -16.86 -8.16
N VAL B 33 1.23 -16.09 -9.26
CA VAL B 33 0.69 -16.54 -10.55
C VAL B 33 1.65 -16.09 -11.65
N LYS B 34 2.16 -17.06 -12.41
CA LYS B 34 3.21 -16.76 -13.39
C LYS B 34 2.78 -15.70 -14.42
N ASN B 35 1.56 -15.78 -14.93
CA ASN B 35 1.15 -14.81 -15.98
C ASN B 35 0.88 -13.38 -15.47
N LEU B 36 0.94 -13.20 -14.16
CA LEU B 36 0.75 -11.88 -13.54
C LEU B 36 2.08 -11.27 -13.10
N ASP B 37 3.13 -12.09 -13.07
CA ASP B 37 4.45 -11.61 -12.68
C ASP B 37 5.20 -11.13 -13.94
N VAL B 38 4.77 -9.97 -14.45
CA VAL B 38 5.24 -9.52 -15.77
C VAL B 38 6.70 -9.03 -15.75
N ASN B 39 7.20 -8.65 -14.57
CA ASN B 39 8.61 -8.21 -14.46
C ASN B 39 9.55 -9.31 -13.92
N LEU B 40 9.03 -10.53 -13.78
CA LEU B 40 9.84 -11.72 -13.45
C LEU B 40 10.64 -11.59 -12.15
N ASP B 41 10.02 -11.01 -11.13
CA ASP B 41 10.69 -10.84 -9.84
C ASP B 41 10.14 -11.76 -8.77
N ASN B 42 9.37 -12.75 -9.20
CA ASN B 42 8.81 -13.79 -8.30
C ASN B 42 7.79 -13.27 -7.28
N GLU B 43 7.21 -12.10 -7.58
CA GLU B 43 6.15 -11.53 -6.78
C GLU B 43 5.06 -11.04 -7.70
N VAL B 44 3.83 -11.00 -7.20
CA VAL B 44 2.73 -10.28 -7.86
C VAL B 44 2.35 -9.10 -6.96
N ASN B 45 2.63 -7.88 -7.43
CA ASN B 45 2.39 -6.71 -6.59
C ASN B 45 2.20 -5.45 -7.44
N ALA B 46 2.25 -4.29 -6.79
CA ALA B 46 1.99 -3.02 -7.50
C ALA B 46 2.86 -2.80 -8.74
N PHE B 47 4.11 -3.28 -8.77
CA PHE B 47 4.94 -3.09 -9.98
C PHE B 47 4.30 -3.76 -11.21
N ASP B 48 3.72 -4.93 -11.00
CA ASP B 48 3.06 -5.65 -12.11
C ASP B 48 1.82 -4.88 -12.57
N LEU B 49 1.06 -4.35 -11.61
CA LEU B 49 -0.11 -3.54 -11.91
C LEU B 49 0.25 -2.29 -12.73
N ALA B 50 1.36 -1.65 -12.38
CA ALA B 50 1.75 -0.42 -13.07
C ALA B 50 2.16 -0.72 -14.51
N ILE B 51 2.88 -1.82 -14.72
CA ILE B 51 3.30 -2.22 -16.08
C ILE B 51 2.08 -2.55 -16.93
N LEU B 52 1.13 -3.30 -16.35
CA LEU B 52 -0.12 -3.61 -17.06
C LEU B 52 -0.85 -2.31 -17.47
N LYS B 53 -0.95 -1.34 -16.56
CA LYS B 53 -1.66 -0.09 -16.89
C LYS B 53 -0.92 0.67 -18.00
N LYS B 54 0.42 0.73 -17.92
CA LYS B 54 1.21 1.36 -18.97
C LYS B 54 0.94 0.72 -20.33
N TYR B 55 0.83 -0.61 -20.34
CA TYR B 55 0.55 -1.36 -21.56
C TYR B 55 -0.85 -1.05 -22.11
N LEU B 56 -1.85 -1.05 -21.22
CA LEU B 56 -3.21 -0.72 -21.65
C LEU B 56 -3.33 0.71 -22.19
N LEU B 57 -2.51 1.62 -21.65
CA LEU B 57 -2.50 3.04 -22.07
C LEU B 57 -1.69 3.30 -23.35
N GLY B 58 -0.97 2.28 -23.82
CA GLY B 58 -0.13 2.39 -25.01
C GLY B 58 1.21 3.08 -24.73
N MET B 59 1.61 3.13 -23.46
CA MET B 59 2.90 3.72 -23.08
C MET B 59 4.08 2.77 -23.22
N VAL B 60 3.80 1.47 -23.16
CA VAL B 60 4.81 0.45 -23.48
C VAL B 60 4.19 -0.54 -24.46
N SER B 61 5.02 -1.04 -25.36
CA SER B 61 4.59 -2.02 -26.36
C SER B 61 4.53 -3.45 -25.81
N LYS B 62 5.31 -3.72 -24.76
CA LYS B 62 5.52 -5.08 -24.27
C LYS B 62 5.31 -5.13 -22.76
N LEU B 63 4.66 -6.19 -22.28
CA LEU B 63 4.59 -6.48 -20.85
C LEU B 63 5.89 -7.15 -20.44
N GLU B 64 6.80 -6.35 -19.89
CA GLU B 64 8.09 -6.86 -19.41
C GLU B 64 8.68 -5.91 -18.39
CA CA C . 6.29 -9.10 -10.32
CA CA D . -8.21 -11.31 -19.71
#